data_7DC3
#
_entry.id   7DC3
#
_cell.length_a   78.706
_cell.length_b   78.706
_cell.length_c   138.464
_cell.angle_alpha   90.000
_cell.angle_beta   90.000
_cell.angle_gamma   120.000
#
_symmetry.space_group_name_H-M   'P 3 2 1'
#
loop_
_entity.id
_entity.type
_entity.pdbx_description
1 polymer 'Isoform 2 of Myelin regulatory factor'
2 water water
#
_entity_poly.entity_id   1
_entity_poly.type   'polypeptide(L)'
_entity_poly.pdbx_seq_one_letter_code
;SDSDVLWQRAQLPDTVFHHGRVGINTDRPDEALVVHGNVKV(MSE)GSL(MSE)HPADLRAKEHVQEVDTTEQLKRISR
(MSE)RLVHYRYKPEFAASAGIEATAPETGVIAQEVKEILPEAVKDTGDVVFANGKTIENFLVVNKERIF(MSE)ENVGA
VKELCKLTDNLETRIDELERWSHKLAKLRRLDSLKS
;
_entity_poly.pdbx_strand_id   A,B,C
#
# COMPACT_ATOMS: atom_id res chain seq x y z
N ARG A 21 1.91 2.32 8.30
CA ARG A 21 3.19 2.13 8.96
C ARG A 21 3.42 3.20 10.02
N VAL A 22 3.18 4.45 9.65
CA VAL A 22 3.26 5.59 10.57
C VAL A 22 1.98 6.40 10.41
N GLY A 23 1.19 6.47 11.47
CA GLY A 23 -0.10 7.15 11.42
C GLY A 23 -0.16 8.28 12.43
N ILE A 24 -0.78 9.38 12.02
CA ILE A 24 -0.97 10.55 12.87
C ILE A 24 -2.46 10.73 13.07
N ASN A 25 -2.90 10.73 14.34
CA ASN A 25 -4.30 10.77 14.74
C ASN A 25 -5.07 9.51 14.35
N THR A 26 -4.38 8.42 14.02
CA THR A 26 -5.07 7.25 13.49
C THR A 26 -4.30 5.98 13.81
N ASP A 27 -5.05 4.89 13.93
CA ASP A 27 -4.53 3.55 13.86
C ASP A 27 -4.78 3.00 12.45
N ARG A 28 -4.38 1.75 12.24
CA ARG A 28 -4.52 1.06 10.95
C ARG A 28 -3.95 1.90 9.81
N PRO A 29 -2.64 2.14 9.75
CA PRO A 29 -2.08 2.88 8.63
C PRO A 29 -1.62 1.98 7.51
N ASP A 30 -2.38 1.94 6.40
CA ASP A 30 -2.01 1.08 5.28
C ASP A 30 -0.78 1.61 4.55
N GLU A 31 -0.71 2.92 4.36
CA GLU A 31 0.39 3.52 3.61
C GLU A 31 1.49 3.96 4.56
N ALA A 32 2.60 4.43 3.95
CA ALA A 32 3.78 4.79 4.74
C ALA A 32 3.45 5.86 5.77
N LEU A 33 2.62 6.84 5.40
CA LEU A 33 2.21 7.90 6.32
C LEU A 33 0.75 8.24 6.08
N VAL A 34 -0.04 8.21 7.15
CA VAL A 34 -1.46 8.54 7.12
C VAL A 34 -1.69 9.66 8.12
N VAL A 35 -2.34 10.74 7.67
CA VAL A 35 -2.58 11.92 8.49
C VAL A 35 -4.08 12.13 8.57
N HIS A 36 -4.64 11.93 9.76
CA HIS A 36 -6.06 12.22 10.00
C HIS A 36 -6.16 13.67 10.46
N GLY A 37 -6.15 14.57 9.49
CA GLY A 37 -6.14 15.99 9.74
C GLY A 37 -5.50 16.72 8.59
N ASN A 38 -5.14 17.97 8.83
CA ASN A 38 -4.48 18.80 7.83
C ASN A 38 -2.96 18.74 8.00
N VAL A 39 -2.26 19.07 6.92
CA VAL A 39 -0.81 19.09 6.89
C VAL A 39 -0.37 20.50 6.50
N LYS A 40 0.45 21.12 7.34
CA LYS A 40 0.96 22.46 7.11
C LYS A 40 2.45 22.35 6.80
N VAL A 41 2.84 22.74 5.59
CA VAL A 41 4.21 22.61 5.11
C VAL A 41 4.77 24.00 4.83
N MSE A 42 5.93 24.31 5.42
CA MSE A 42 6.58 25.59 5.19
C MSE A 42 7.30 25.60 3.84
O MSE A 42 7.25 26.59 3.11
CB MSE A 42 7.58 25.89 6.31
CG MSE A 42 6.95 25.96 7.70
SE MSE A 42 5.62 27.38 7.87
CE MSE A 42 4.01 26.32 7.59
N GLY A 43 7.96 24.49 3.51
CA GLY A 43 8.67 24.38 2.26
C GLY A 43 7.82 23.83 1.14
N SER A 44 8.40 22.99 0.28
CA SER A 44 7.73 22.46 -0.87
C SER A 44 7.65 20.93 -0.78
N LEU A 45 6.79 20.36 -1.62
CA LEU A 45 6.65 18.92 -1.75
C LEU A 45 7.44 18.47 -2.97
N MSE A 46 8.42 17.59 -2.76
CA MSE A 46 9.27 17.12 -3.84
C MSE A 46 9.04 15.66 -4.19
O MSE A 46 8.71 14.85 -3.32
CB MSE A 46 10.75 17.35 -3.49
CG MSE A 46 11.19 18.80 -3.57
SE MSE A 46 12.27 19.35 -2.05
CE MSE A 46 13.49 17.83 -1.97
N HIS A 47 9.20 15.33 -5.47
CA HIS A 47 8.99 13.98 -5.97
C HIS A 47 10.17 13.55 -6.83
N PRO A 48 10.52 12.25 -6.82
CA PRO A 48 11.65 11.79 -7.63
C PRO A 48 11.31 11.68 -9.10
N ALA A 49 11.71 12.68 -9.89
CA ALA A 49 11.42 12.70 -11.33
C ALA A 49 12.69 12.55 -12.17
N ASP A 50 13.78 12.09 -11.58
CA ASP A 50 15.01 11.89 -12.33
C ASP A 50 14.81 10.82 -13.40
N LEU A 51 15.40 11.05 -14.58
CA LEU A 51 15.28 10.10 -15.68
C LEU A 51 15.90 8.76 -15.33
N ARG A 52 17.01 8.77 -14.57
CA ARG A 52 17.76 7.55 -14.30
C ARG A 52 17.02 6.58 -13.39
N ALA A 53 15.81 6.89 -12.93
CA ALA A 53 15.00 5.95 -12.17
C ALA A 53 13.69 5.61 -12.89
N LYS A 54 13.64 5.83 -14.20
CA LYS A 54 12.44 5.65 -14.99
C LYS A 54 12.66 4.59 -16.06
N GLU A 55 11.56 4.02 -16.54
CA GLU A 55 11.59 3.12 -17.68
C GLU A 55 10.19 3.06 -18.29
N HIS A 56 10.11 2.53 -19.51
CA HIS A 56 8.88 2.53 -20.30
C HIS A 56 8.37 3.94 -20.51
N VAL A 57 9.29 4.84 -20.86
CA VAL A 57 8.97 6.26 -21.05
C VAL A 57 8.32 6.41 -22.43
N GLN A 58 7.01 6.63 -22.44
CA GLN A 58 6.25 6.83 -23.66
C GLN A 58 5.61 8.21 -23.66
N GLU A 59 5.41 8.76 -24.85
CA GLU A 59 4.81 10.08 -24.99
C GLU A 59 3.32 10.01 -24.68
N VAL A 60 2.82 11.10 -24.08
CA VAL A 60 1.40 11.21 -23.78
C VAL A 60 0.69 11.83 -24.99
N ASP A 61 -0.60 11.55 -25.10
CA ASP A 61 -1.45 12.14 -26.13
C ASP A 61 -2.22 13.28 -25.47
N THR A 62 -1.81 14.51 -25.75
CA THR A 62 -2.45 15.67 -25.13
C THR A 62 -3.91 15.78 -25.56
N THR A 63 -4.26 15.29 -26.75
CA THR A 63 -5.66 15.27 -27.16
C THR A 63 -6.48 14.38 -26.24
N GLU A 64 -5.93 13.23 -25.85
CA GLU A 64 -6.63 12.35 -24.92
C GLU A 64 -6.70 12.96 -23.53
N GLN A 65 -5.70 13.76 -23.17
CA GLN A 65 -5.69 14.42 -21.87
C GLN A 65 -6.78 15.47 -21.76
N LEU A 66 -7.02 16.23 -22.84
CA LEU A 66 -8.09 17.22 -22.83
C LEU A 66 -9.47 16.55 -22.78
N LYS A 67 -9.62 15.40 -23.44
CA LYS A 67 -10.90 14.70 -23.42
C LYS A 67 -11.24 14.22 -22.02
N ARG A 68 -10.28 13.61 -21.33
CA ARG A 68 -10.55 13.12 -19.98
C ARG A 68 -10.81 14.27 -19.00
N ILE A 69 -10.17 15.42 -19.21
CA ILE A 69 -10.42 16.57 -18.35
C ILE A 69 -11.83 17.10 -18.57
N SER A 70 -12.24 17.22 -19.84
CA SER A 70 -13.57 17.75 -20.15
C SER A 70 -14.70 16.83 -19.69
N ARG A 71 -14.44 15.54 -19.55
CA ARG A 71 -15.48 14.64 -19.04
C ARG A 71 -15.59 14.67 -17.53
N MSE A 72 -14.53 15.06 -16.84
CA MSE A 72 -14.50 15.05 -15.38
C MSE A 72 -15.55 15.99 -14.80
O MSE A 72 -15.89 17.00 -15.42
CB MSE A 72 -13.11 15.42 -14.87
CG MSE A 72 -12.70 14.68 -13.62
SE MSE A 72 -10.77 14.78 -13.36
CE MSE A 72 -10.20 13.82 -14.95
N ARG A 73 -16.07 15.65 -13.63
CA ARG A 73 -17.15 16.40 -12.99
C ARG A 73 -16.64 16.97 -11.67
N LEU A 74 -16.55 18.29 -11.59
CA LEU A 74 -16.18 18.97 -10.36
C LEU A 74 -17.43 19.29 -9.57
N VAL A 75 -17.38 19.04 -8.26
CA VAL A 75 -18.53 19.23 -7.39
C VAL A 75 -18.13 20.00 -6.15
N HIS A 76 -19.06 20.82 -5.66
CA HIS A 76 -18.98 21.35 -4.31
C HIS A 76 -19.65 20.37 -3.37
N TYR A 77 -19.02 20.14 -2.21
CA TYR A 77 -19.55 19.15 -1.28
C TYR A 77 -19.03 19.46 0.11
N ARG A 78 -19.51 18.68 1.07
CA ARG A 78 -19.02 18.70 2.44
C ARG A 78 -18.98 17.27 2.96
N TYR A 79 -18.06 16.99 3.87
CA TYR A 79 -17.94 15.65 4.42
C TYR A 79 -19.04 15.39 5.42
N LYS A 80 -19.55 14.16 5.40
CA LYS A 80 -20.53 13.76 6.40
C LYS A 80 -19.92 13.87 7.80
N PRO A 81 -20.69 14.32 8.79
CA PRO A 81 -20.13 14.45 10.14
C PRO A 81 -19.63 13.13 10.71
N GLU A 82 -20.25 12.01 10.35
CA GLU A 82 -19.78 10.72 10.83
C GLU A 82 -18.42 10.36 10.26
N PHE A 83 -18.12 10.79 9.03
CA PHE A 83 -16.81 10.54 8.46
C PHE A 83 -15.78 11.56 8.96
N ALA A 84 -16.17 12.83 9.02
CA ALA A 84 -15.23 13.87 9.44
C ALA A 84 -14.74 13.66 10.87
N ALA A 85 -15.58 13.08 11.73
CA ALA A 85 -15.18 12.84 13.11
C ALA A 85 -14.06 11.79 13.17
N SER A 86 -14.22 10.69 12.44
CA SER A 86 -13.23 9.62 12.43
C SER A 86 -12.02 9.93 11.57
N ALA A 87 -12.01 11.05 10.86
CA ALA A 87 -10.90 11.43 9.99
C ALA A 87 -10.13 12.65 10.48
N GLY A 88 -10.52 13.21 11.63
CA GLY A 88 -9.81 14.36 12.16
C GLY A 88 -10.01 15.65 11.41
N ILE A 89 -11.10 15.78 10.64
CA ILE A 89 -11.36 17.00 9.89
C ILE A 89 -12.72 17.55 10.30
N GLU A 90 -13.08 18.71 9.76
CA GLU A 90 -14.33 19.38 10.09
C GLU A 90 -15.37 19.11 9.00
N ALA A 91 -16.62 18.93 9.43
CA ALA A 91 -17.73 18.74 8.50
C ALA A 91 -18.34 20.06 8.04
N THR A 92 -18.01 21.17 8.71
CA THR A 92 -18.61 22.46 8.40
C THR A 92 -17.84 23.25 7.36
N ALA A 93 -16.65 22.80 6.98
CA ALA A 93 -15.87 23.53 5.99
C ALA A 93 -16.28 23.09 4.59
N PRO A 94 -16.56 24.02 3.68
CA PRO A 94 -16.93 23.62 2.32
C PRO A 94 -15.76 23.03 1.57
N GLU A 95 -16.06 22.08 0.70
CA GLU A 95 -15.05 21.39 -0.08
C GLU A 95 -15.40 21.44 -1.56
N THR A 96 -14.39 21.30 -2.40
CA THR A 96 -14.56 21.27 -3.85
C THR A 96 -13.57 20.27 -4.41
N GLY A 97 -14.07 19.25 -5.10
CA GLY A 97 -13.21 18.23 -5.66
C GLY A 97 -13.92 17.35 -6.66
N VAL A 98 -13.64 16.04 -6.60
CA VAL A 98 -14.17 15.08 -7.56
C VAL A 98 -14.76 13.89 -6.82
N ILE A 99 -15.56 13.12 -7.55
CA ILE A 99 -16.10 11.86 -7.05
C ILE A 99 -15.18 10.74 -7.52
N ALA A 100 -14.66 9.96 -6.57
CA ALA A 100 -13.69 8.93 -6.92
C ALA A 100 -14.29 7.88 -7.86
N GLN A 101 -15.57 7.56 -7.66
CA GLN A 101 -16.22 6.60 -8.55
C GLN A 101 -16.34 7.13 -9.96
N GLU A 102 -16.50 8.45 -10.12
CA GLU A 102 -16.62 9.04 -11.45
C GLU A 102 -15.25 9.19 -12.11
N VAL A 103 -14.22 9.53 -11.34
CA VAL A 103 -12.87 9.64 -11.90
C VAL A 103 -12.34 8.29 -12.31
N LYS A 104 -12.72 7.22 -11.58
CA LYS A 104 -12.20 5.90 -11.89
C LYS A 104 -12.61 5.46 -13.29
N GLU A 105 -13.81 5.83 -13.73
CA GLU A 105 -14.25 5.52 -15.08
C GLU A 105 -13.52 6.36 -16.13
N ILE A 106 -12.97 7.49 -15.74
CA ILE A 106 -12.27 8.39 -16.66
C ILE A 106 -10.76 8.22 -16.57
N LEU A 107 -10.21 8.32 -15.36
CA LEU A 107 -8.77 8.24 -15.12
C LEU A 107 -8.53 7.27 -13.97
N PRO A 108 -8.52 5.95 -14.25
CA PRO A 108 -8.36 4.98 -13.17
C PRO A 108 -6.95 4.95 -12.59
N GLU A 109 -5.97 5.53 -13.28
CA GLU A 109 -4.62 5.65 -12.71
C GLU A 109 -4.59 6.52 -11.47
N ALA A 110 -5.56 7.41 -11.31
CA ALA A 110 -5.60 8.35 -10.19
C ALA A 110 -6.46 7.85 -9.02
N VAL A 111 -6.99 6.63 -9.09
CA VAL A 111 -7.87 6.11 -8.06
C VAL A 111 -7.28 4.82 -7.51
N LYS A 112 -7.37 4.64 -6.20
CA LYS A 112 -6.89 3.45 -5.53
C LYS A 112 -7.93 2.96 -4.53
N ASP A 113 -8.01 1.64 -4.36
CA ASP A 113 -8.87 1.02 -3.37
C ASP A 113 -8.05 0.77 -2.10
N THR A 114 -8.50 1.33 -0.99
CA THR A 114 -7.76 1.25 0.28
C THR A 114 -8.43 0.34 1.30
N GLY A 115 -9.31 -0.56 0.86
CA GLY A 115 -9.93 -1.48 1.79
C GLY A 115 -11.10 -0.86 2.55
N ASP A 116 -11.29 -1.34 3.78
CA ASP A 116 -12.42 -0.93 4.60
C ASP A 116 -12.10 0.35 5.36
N VAL A 117 -13.15 1.12 5.63
CA VAL A 117 -13.06 2.35 6.42
C VAL A 117 -14.28 2.40 7.34
N VAL A 118 -14.03 2.56 8.65
CA VAL A 118 -15.09 2.60 9.64
C VAL A 118 -15.33 4.04 10.04
N PHE A 119 -16.61 4.45 10.04
CA PHE A 119 -16.96 5.81 10.43
C PHE A 119 -16.99 5.93 11.94
N ALA A 120 -17.35 7.12 12.42
CA ALA A 120 -17.39 7.37 13.86
C ALA A 120 -18.56 6.66 14.54
N ASN A 121 -19.56 6.23 13.78
CA ASN A 121 -20.73 5.54 14.33
C ASN A 121 -20.64 4.03 14.19
N GLY A 122 -19.58 3.50 13.57
CA GLY A 122 -19.42 2.08 13.38
C GLY A 122 -19.71 1.59 11.99
N LYS A 123 -20.20 2.45 11.10
CA LYS A 123 -20.54 2.04 9.74
C LYS A 123 -19.26 1.73 8.96
N THR A 124 -19.13 0.48 8.50
CA THR A 124 -17.95 0.05 7.78
C THR A 124 -18.19 0.23 6.27
N ILE A 125 -17.34 1.03 5.64
CA ILE A 125 -17.39 1.27 4.20
C ILE A 125 -16.32 0.42 3.55
N GLU A 126 -16.73 -0.65 2.87
CA GLU A 126 -15.78 -1.52 2.21
C GLU A 126 -15.41 -0.98 0.83
N ASN A 127 -14.16 -1.21 0.45
CA ASN A 127 -13.63 -0.75 -0.84
C ASN A 127 -13.68 0.77 -0.95
N PHE A 128 -13.16 1.44 0.07
CA PHE A 128 -13.12 2.89 0.09
C PHE A 128 -12.10 3.40 -0.93
N LEU A 129 -12.50 4.38 -1.73
CA LEU A 129 -11.68 4.87 -2.83
C LEU A 129 -11.04 6.20 -2.47
N VAL A 130 -9.75 6.32 -2.75
CA VAL A 130 -9.02 7.58 -2.59
C VAL A 130 -8.58 8.04 -3.97
N VAL A 131 -8.23 9.32 -4.07
CA VAL A 131 -7.87 9.93 -5.34
C VAL A 131 -6.51 10.62 -5.19
N ASN A 132 -5.66 10.43 -6.20
CA ASN A 132 -4.41 11.18 -6.31
C ASN A 132 -4.70 12.45 -7.09
N LYS A 133 -4.89 13.56 -6.37
CA LYS A 133 -5.25 14.82 -7.02
C LYS A 133 -4.13 15.34 -7.92
N GLU A 134 -2.88 15.10 -7.54
CA GLU A 134 -1.77 15.57 -8.38
C GLU A 134 -1.78 14.92 -9.75
N ARG A 135 -2.31 13.69 -9.85
CA ARG A 135 -2.44 13.05 -11.15
C ARG A 135 -3.44 13.79 -12.02
N ILE A 136 -4.51 14.32 -11.41
CA ILE A 136 -5.48 15.09 -12.18
C ILE A 136 -4.88 16.42 -12.63
N PHE A 137 -4.12 17.07 -11.76
CA PHE A 137 -3.49 18.35 -12.13
C PHE A 137 -2.45 18.15 -13.22
N MSE A 138 -1.74 17.04 -13.20
CA MSE A 138 -0.77 16.75 -14.26
C MSE A 138 -1.50 16.55 -15.58
O MSE A 138 -1.05 16.99 -16.63
CB MSE A 138 0.05 15.51 -13.92
CG MSE A 138 1.21 15.28 -14.87
SE MSE A 138 2.52 16.73 -14.77
CE MSE A 138 3.27 16.33 -13.01
N GLU A 139 -2.66 15.88 -15.51
CA GLU A 139 -3.51 15.75 -16.69
C GLU A 139 -3.99 17.11 -17.17
N ASN A 140 -4.19 18.05 -16.25
CA ASN A 140 -4.62 19.39 -16.64
C ASN A 140 -3.50 20.15 -17.35
N VAL A 141 -2.24 19.83 -17.06
CA VAL A 141 -1.12 20.46 -17.75
C VAL A 141 -1.15 20.09 -19.23
N GLY A 142 -1.37 18.81 -19.53
CA GLY A 142 -1.48 18.39 -20.91
C GLY A 142 -2.71 18.92 -21.61
N ALA A 143 -3.79 19.17 -20.85
CA ALA A 143 -4.97 19.78 -21.43
C ALA A 143 -4.70 21.22 -21.85
N VAL A 144 -3.90 21.95 -21.06
CA VAL A 144 -3.51 23.31 -21.45
C VAL A 144 -2.63 23.28 -22.69
N LYS A 145 -1.75 22.27 -22.80
CA LYS A 145 -0.92 22.15 -23.99
C LYS A 145 -1.75 21.87 -25.22
N GLU A 146 -2.87 21.15 -25.06
CA GLU A 146 -3.76 20.91 -26.20
C GLU A 146 -4.54 22.17 -26.55
N LEU A 147 -5.02 22.91 -25.54
CA LEU A 147 -5.70 24.17 -25.79
C LEU A 147 -4.77 25.16 -26.49
N CYS A 148 -3.49 25.14 -26.15
CA CYS A 148 -2.53 26.02 -26.82
C CYS A 148 -2.43 25.69 -28.30
N LYS A 149 -2.51 24.40 -28.65
CA LYS A 149 -2.44 24.01 -30.06
C LYS A 149 -3.74 24.30 -30.79
N LEU A 150 -4.88 24.23 -30.10
CA LEU A 150 -6.16 24.50 -30.75
C LEU A 150 -6.33 26.00 -31.01
N THR A 151 -5.99 26.84 -30.03
CA THR A 151 -6.11 28.28 -30.23
C THR A 151 -5.14 28.77 -31.31
N ASP A 152 -3.95 28.17 -31.38
CA ASP A 152 -3.01 28.53 -32.43
C ASP A 152 -3.55 28.12 -33.80
N ASN A 153 -4.25 26.98 -33.87
CA ASN A 153 -4.89 26.58 -35.12
C ASN A 153 -6.05 27.48 -35.47
N LEU A 154 -6.79 27.98 -34.47
CA LEU A 154 -7.89 28.89 -34.74
C LEU A 154 -7.38 30.25 -35.20
N GLU A 155 -6.27 30.71 -34.64
CA GLU A 155 -5.72 31.99 -35.06
C GLU A 155 -5.25 31.93 -36.51
N THR A 156 -4.74 30.78 -36.95
CA THR A 156 -4.36 30.62 -38.36
C THR A 156 -5.59 30.67 -39.26
N ARG A 157 -6.66 29.98 -38.88
CA ARG A 157 -7.89 30.00 -39.66
C ARG A 157 -8.55 31.38 -39.61
N ILE A 158 -8.38 32.11 -38.51
CA ILE A 158 -8.85 33.49 -38.43
C ILE A 158 -8.00 34.39 -39.32
N ASP A 159 -6.68 34.17 -39.33
CA ASP A 159 -5.79 35.03 -40.10
C ASP A 159 -6.05 34.90 -41.59
N GLU A 160 -6.43 33.71 -42.06
CA GLU A 160 -6.75 33.54 -43.48
C GLU A 160 -8.01 34.31 -43.84
N LEU A 161 -8.98 34.36 -42.93
CA LEU A 161 -10.20 35.11 -43.21
C LEU A 161 -9.94 36.62 -43.23
N GLU A 162 -9.08 37.11 -42.33
CA GLU A 162 -8.79 38.54 -42.31
C GLU A 162 -8.02 38.98 -43.55
N ARG A 163 -7.00 38.21 -43.95
CA ARG A 163 -6.26 38.53 -45.17
C ARG A 163 -7.15 38.39 -46.41
N TRP A 164 -8.10 37.46 -46.38
CA TRP A 164 -9.03 37.31 -47.49
C TRP A 164 -10.05 38.45 -47.52
N SER A 165 -10.32 39.06 -46.37
CA SER A 165 -11.31 40.12 -46.28
C SER A 165 -10.78 41.49 -46.68
N HIS A 166 -9.47 41.64 -46.86
CA HIS A 166 -8.92 42.94 -47.25
C HIS A 166 -8.51 42.99 -48.72
N LYS A 167 -8.26 41.85 -49.35
CA LYS A 167 -7.94 41.78 -50.78
C LYS A 167 -8.79 42.70 -51.65
N ASP B 30 -3.30 5.86 22.68
CA ASP B 30 -3.70 7.08 21.99
C ASP B 30 -3.26 7.06 20.53
N GLU B 31 -3.97 7.82 19.70
CA GLU B 31 -3.77 7.82 18.27
C GLU B 31 -2.84 8.91 17.77
N ALA B 32 -2.29 9.76 18.66
CA ALA B 32 -1.54 10.93 18.19
C ALA B 32 -0.39 10.54 17.26
N LEU B 33 0.34 9.48 17.61
CA LEU B 33 1.36 8.96 16.72
C LEU B 33 1.42 7.45 16.91
N VAL B 34 1.26 6.72 15.81
CA VAL B 34 1.34 5.26 15.82
C VAL B 34 2.39 4.84 14.80
N VAL B 35 3.34 4.01 15.24
CA VAL B 35 4.45 3.57 14.42
C VAL B 35 4.39 2.05 14.34
N HIS B 36 4.08 1.52 13.16
CA HIS B 36 4.10 0.08 12.93
C HIS B 36 5.50 -0.32 12.50
N GLY B 37 6.37 -0.46 13.50
CA GLY B 37 7.77 -0.75 13.28
C GLY B 37 8.58 -0.21 14.44
N ASN B 38 9.89 -0.12 14.22
CA ASN B 38 10.81 0.38 15.23
C ASN B 38 11.05 1.87 15.00
N VAL B 39 11.51 2.53 16.07
CA VAL B 39 11.80 3.96 16.06
C VAL B 39 13.27 4.13 16.39
N LYS B 40 14.01 4.80 15.51
CA LYS B 40 15.43 5.06 15.71
C LYS B 40 15.60 6.55 15.98
N VAL B 41 16.08 6.90 17.17
CA VAL B 41 16.24 8.28 17.60
C VAL B 41 17.72 8.55 17.86
N MSE B 42 18.25 9.58 17.22
CA MSE B 42 19.65 9.98 17.43
C MSE B 42 19.82 10.65 18.78
O MSE B 42 20.77 10.36 19.51
CB MSE B 42 20.11 10.91 16.31
CG MSE B 42 20.05 10.29 14.92
SE MSE B 42 21.20 8.72 14.74
CE MSE B 42 19.88 7.33 15.05
N GLY B 43 18.90 11.55 19.10
CA GLY B 43 18.96 12.27 20.37
C GLY B 43 18.29 11.54 21.50
N SER B 44 17.61 12.29 22.36
CA SER B 44 16.97 11.75 23.55
C SER B 44 15.47 12.00 23.50
N LEU B 45 14.76 11.30 24.38
CA LEU B 45 13.32 11.47 24.56
C LEU B 45 13.07 12.39 25.75
N MSE B 46 12.23 13.39 25.55
CA MSE B 46 11.95 14.36 26.60
C MSE B 46 10.48 14.38 26.98
O MSE B 46 9.61 14.18 26.11
CB MSE B 46 12.42 15.74 26.18
CG MSE B 46 13.89 15.80 25.82
SE MSE B 46 14.32 17.33 24.68
CE MSE B 46 16.23 17.03 24.50
N HIS B 47 10.19 14.62 28.24
CA HIS B 47 8.83 14.68 28.75
C HIS B 47 8.63 15.94 29.59
N PRO B 48 7.43 16.52 29.57
CA PRO B 48 7.19 17.73 30.36
C PRO B 48 7.04 17.43 31.85
N ALA B 49 8.11 17.64 32.61
CA ALA B 49 8.10 17.37 34.04
C ALA B 49 8.20 18.64 34.87
N ASP B 50 7.94 19.79 34.26
CA ASP B 50 7.98 21.05 34.97
C ASP B 50 6.90 21.09 36.04
N LEU B 51 7.24 21.64 37.21
CA LEU B 51 6.28 21.73 38.30
C LEU B 51 5.09 22.62 37.91
N ARG B 52 5.35 23.66 37.13
CA ARG B 52 4.33 24.65 36.80
C ARG B 52 3.23 24.10 35.90
N ALA B 53 3.28 22.83 35.51
CA ALA B 53 2.19 22.20 34.76
C ALA B 53 1.61 21.02 35.53
N LYS B 54 1.82 20.96 36.84
CA LYS B 54 1.41 19.84 37.67
C LYS B 54 0.42 20.31 38.72
N GLU B 55 -0.35 19.36 39.25
CA GLU B 55 -1.23 19.61 40.38
C GLU B 55 -1.57 18.28 41.04
N HIS B 56 -2.08 18.37 42.27
CA HIS B 56 -2.37 17.19 43.10
C HIS B 56 -1.12 16.35 43.29
N VAL B 57 -0.02 17.01 43.63
CA VAL B 57 1.28 16.36 43.79
C VAL B 57 1.30 15.67 45.15
N GLN B 58 1.25 14.33 45.13
CA GLN B 58 1.30 13.52 46.34
C GLN B 58 2.54 12.64 46.33
N GLU B 59 3.07 12.37 47.51
CA GLU B 59 4.26 11.54 47.66
C GLU B 59 3.94 10.06 47.45
N VAL B 60 4.89 9.34 46.85
CA VAL B 60 4.76 7.91 46.65
C VAL B 60 5.29 7.17 47.87
N ASP B 61 4.83 5.93 48.05
CA ASP B 61 5.32 5.04 49.10
C ASP B 61 6.32 4.07 48.48
N THR B 62 7.61 4.32 48.71
CA THR B 62 8.65 3.48 48.13
C THR B 62 8.56 2.03 48.61
N THR B 63 8.04 1.82 49.82
CA THR B 63 7.86 0.45 50.31
C THR B 63 6.88 -0.32 49.44
N GLU B 64 5.78 0.32 49.02
CA GLU B 64 4.87 -0.35 48.08
C GLU B 64 5.47 -0.48 46.69
N GLN B 65 6.36 0.44 46.31
CA GLN B 65 6.99 0.36 45.00
C GLN B 65 7.90 -0.85 44.91
N LEU B 66 8.63 -1.16 45.99
CA LEU B 66 9.44 -2.37 45.99
C LEU B 66 8.56 -3.62 45.98
N LYS B 67 7.41 -3.55 46.66
CA LYS B 67 6.48 -4.69 46.66
C LYS B 67 5.94 -4.94 45.27
N ARG B 68 5.53 -3.88 44.57
CA ARG B 68 4.97 -4.05 43.23
C ARG B 68 6.00 -4.56 42.23
N ILE B 69 7.27 -4.16 42.40
CA ILE B 69 8.31 -4.64 41.50
C ILE B 69 8.57 -6.13 41.73
N SER B 70 8.65 -6.54 43.00
CA SER B 70 8.88 -7.95 43.30
C SER B 70 7.70 -8.83 42.90
N ARG B 71 6.52 -8.25 42.75
CA ARG B 71 5.34 -9.00 42.34
C ARG B 71 5.30 -9.28 40.84
N MSE B 72 6.04 -8.51 40.06
CA MSE B 72 6.00 -8.63 38.61
C MSE B 72 6.73 -9.87 38.12
O MSE B 72 7.52 -10.47 38.84
CB MSE B 72 6.59 -7.39 37.94
CG MSE B 72 5.77 -6.13 38.16
SE MSE B 72 6.38 -4.67 37.05
CE MSE B 72 5.15 -3.29 37.68
N ARG B 73 6.46 -10.25 36.87
CA ARG B 73 7.02 -11.44 36.27
C ARG B 73 7.51 -11.10 34.87
N LEU B 74 8.82 -11.21 34.66
CA LEU B 74 9.42 -10.96 33.37
C LEU B 74 9.45 -12.27 32.58
N VAL B 75 9.11 -12.19 31.29
CA VAL B 75 9.05 -13.38 30.45
C VAL B 75 9.80 -13.14 29.15
N HIS B 76 10.40 -14.20 28.64
CA HIS B 76 10.87 -14.25 27.26
C HIS B 76 9.72 -14.72 26.38
N TYR B 77 9.57 -14.08 25.22
CA TYR B 77 8.45 -14.41 24.35
C TYR B 77 8.81 -14.03 22.92
N ARG B 78 7.89 -14.34 22.01
CA ARG B 78 7.96 -13.95 20.61
C ARG B 78 6.57 -13.57 20.16
N TYR B 79 6.49 -12.63 19.22
CA TYR B 79 5.21 -12.20 18.70
C TYR B 79 4.64 -13.21 17.72
N LYS B 80 3.33 -13.41 17.78
CA LYS B 80 2.67 -14.28 16.82
C LYS B 80 2.91 -13.75 15.40
N PRO B 81 3.15 -14.62 14.43
CA PRO B 81 3.37 -14.14 13.05
C PRO B 81 2.20 -13.36 12.49
N GLU B 82 0.97 -13.70 12.88
CA GLU B 82 -0.19 -12.96 12.41
C GLU B 82 -0.22 -11.54 12.96
N PHE B 83 0.29 -11.35 14.19
CA PHE B 83 0.37 -10.00 14.75
C PHE B 83 1.58 -9.25 14.24
N ALA B 84 2.73 -9.93 14.15
CA ALA B 84 3.95 -9.26 13.70
C ALA B 84 3.83 -8.75 12.27
N ALA B 85 3.06 -9.45 11.44
CA ALA B 85 2.90 -9.03 10.05
C ALA B 85 2.14 -7.71 9.96
N SER B 86 1.03 -7.58 10.70
CA SER B 86 0.23 -6.37 10.68
C SER B 86 0.82 -5.25 11.52
N ALA B 87 1.91 -5.50 12.24
CA ALA B 87 2.52 -4.49 13.10
C ALA B 87 3.89 -4.03 12.60
N GLY B 88 4.36 -4.56 11.47
CA GLY B 88 5.63 -4.13 10.92
C GLY B 88 6.84 -4.60 11.69
N ILE B 89 6.72 -5.69 12.45
CA ILE B 89 7.84 -6.24 13.20
C ILE B 89 8.08 -7.68 12.80
N GLU B 90 9.13 -8.29 13.34
CA GLU B 90 9.50 -9.66 13.01
C GLU B 90 9.01 -10.61 14.09
N ALA B 91 8.55 -11.78 13.67
CA ALA B 91 8.11 -12.81 14.59
C ALA B 91 9.25 -13.71 15.06
N THR B 92 10.39 -13.67 14.38
CA THR B 92 11.53 -14.53 14.69
C THR B 92 12.50 -13.91 15.68
N ALA B 93 12.34 -12.63 16.00
CA ALA B 93 13.27 -11.98 16.93
C ALA B 93 12.82 -12.21 18.36
N PRO B 94 13.72 -12.65 19.24
CA PRO B 94 13.31 -12.88 20.64
C PRO B 94 13.01 -11.58 21.35
N GLU B 95 12.05 -11.65 22.28
CA GLU B 95 11.63 -10.50 23.05
C GLU B 95 11.66 -10.83 24.53
N THR B 96 11.75 -9.78 25.35
CA THR B 96 11.72 -9.92 26.80
C THR B 96 10.94 -8.75 27.37
N GLY B 97 9.87 -9.05 28.09
CA GLY B 97 9.04 -8.00 28.65
C GLY B 97 8.07 -8.50 29.70
N VAL B 98 6.84 -8.00 29.65
CA VAL B 98 5.82 -8.31 30.64
C VAL B 98 4.53 -8.68 29.92
N ILE B 99 3.62 -9.31 30.67
CA ILE B 99 2.27 -9.60 30.20
C ILE B 99 1.37 -8.48 30.70
N ALA B 100 0.69 -7.81 29.78
CA ALA B 100 -0.14 -6.66 30.15
C ALA B 100 -1.25 -7.07 31.12
N GLN B 101 -1.81 -8.27 30.94
CA GLN B 101 -2.85 -8.73 31.84
C GLN B 101 -2.32 -8.95 33.26
N GLU B 102 -1.05 -9.35 33.40
CA GLU B 102 -0.48 -9.53 34.73
C GLU B 102 -0.06 -8.20 35.36
N VAL B 103 0.45 -7.27 34.55
CA VAL B 103 0.85 -5.98 35.07
C VAL B 103 -0.36 -5.19 35.56
N LYS B 104 -1.51 -5.37 34.90
CA LYS B 104 -2.70 -4.63 35.30
C LYS B 104 -3.11 -4.99 36.72
N GLU B 105 -2.89 -6.24 37.13
CA GLU B 105 -3.17 -6.65 38.50
C GLU B 105 -2.20 -6.04 39.50
N ILE B 106 -1.02 -5.64 39.06
CA ILE B 106 0.01 -5.07 39.93
C ILE B 106 0.06 -3.56 39.81
N LEU B 107 0.22 -3.05 38.60
CA LEU B 107 0.36 -1.62 38.33
C LEU B 107 -0.60 -1.24 37.20
N PRO B 108 -1.87 -1.00 37.53
CA PRO B 108 -2.84 -0.69 36.47
C PRO B 108 -2.66 0.69 35.87
N GLU B 109 -1.91 1.58 36.53
CA GLU B 109 -1.58 2.87 35.94
C GLU B 109 -0.75 2.72 34.67
N ALA B 110 -0.04 1.61 34.53
CA ALA B 110 0.85 1.38 33.39
C ALA B 110 0.19 0.63 32.24
N VAL B 111 -1.10 0.32 32.34
CA VAL B 111 -1.81 -0.44 31.32
C VAL B 111 -2.98 0.38 30.81
N LYS B 112 -3.19 0.35 29.50
CA LYS B 112 -4.29 1.07 28.86
C LYS B 112 -4.98 0.17 27.84
N ASP B 113 -6.29 0.37 27.70
CA ASP B 113 -7.09 -0.32 26.70
C ASP B 113 -7.16 0.56 25.46
N THR B 114 -6.72 0.04 24.32
CA THR B 114 -6.65 0.80 23.08
C THR B 114 -7.68 0.35 22.04
N GLY B 115 -8.72 -0.35 22.47
CA GLY B 115 -9.76 -0.76 21.54
C GLY B 115 -9.37 -2.00 20.73
N ASP B 116 -9.88 -2.07 19.52
CA ASP B 116 -9.71 -3.23 18.67
C ASP B 116 -8.38 -3.18 17.90
N VAL B 117 -7.86 -4.36 17.60
CA VAL B 117 -6.65 -4.52 16.80
C VAL B 117 -6.88 -5.67 15.84
N VAL B 118 -6.66 -5.44 14.55
CA VAL B 118 -6.89 -6.44 13.51
C VAL B 118 -5.55 -7.02 13.09
N PHE B 119 -5.47 -8.35 13.06
CA PHE B 119 -4.26 -9.03 12.63
C PHE B 119 -4.18 -9.04 11.11
N ALA B 120 -3.12 -9.67 10.58
CA ALA B 120 -2.94 -9.73 9.14
C ALA B 120 -3.94 -10.67 8.47
N ASN B 121 -4.58 -11.55 9.24
CA ASN B 121 -5.55 -12.49 8.70
C ASN B 121 -6.99 -12.05 8.91
N GLY B 122 -7.21 -10.91 9.59
CA GLY B 122 -8.54 -10.40 9.84
C GLY B 122 -9.05 -10.64 11.26
N LYS B 123 -8.30 -11.38 12.08
CA LYS B 123 -8.74 -11.68 13.44
C LYS B 123 -8.69 -10.41 14.28
N THR B 124 -9.84 -10.01 14.82
CA THR B 124 -9.96 -8.78 15.60
C THR B 124 -9.75 -9.08 17.08
N ILE B 125 -8.79 -8.40 17.69
CA ILE B 125 -8.51 -8.53 19.12
C ILE B 125 -9.20 -7.37 19.82
N GLU B 126 -10.28 -7.68 20.54
CA GLU B 126 -11.03 -6.65 21.24
C GLU B 126 -10.39 -6.34 22.58
N ASN B 127 -10.43 -5.06 22.97
CA ASN B 127 -9.88 -4.60 24.24
C ASN B 127 -8.38 -4.91 24.33
N PHE B 128 -7.65 -4.53 23.29
CA PHE B 128 -6.21 -4.77 23.25
C PHE B 128 -5.50 -3.88 24.26
N LEU B 129 -4.58 -4.48 25.02
CA LEU B 129 -3.91 -3.80 26.11
C LEU B 129 -2.48 -3.44 25.71
N VAL B 130 -2.10 -2.20 25.97
CA VAL B 130 -0.73 -1.74 25.79
C VAL B 130 -0.16 -1.42 27.16
N VAL B 131 1.17 -1.33 27.23
CA VAL B 131 1.87 -1.10 28.49
C VAL B 131 2.79 0.10 28.33
N ASN B 132 2.77 0.99 29.33
CA ASN B 132 3.72 2.09 29.41
C ASN B 132 4.94 1.59 30.18
N LYS B 133 5.98 1.21 29.45
CA LYS B 133 7.17 0.66 30.10
C LYS B 133 7.87 1.68 30.98
N GLU B 134 7.80 2.96 30.62
CA GLU B 134 8.44 4.00 31.42
C GLU B 134 7.84 4.08 32.81
N ARG B 135 6.55 3.73 32.96
CA ARG B 135 5.94 3.70 34.28
C ARG B 135 6.53 2.59 35.14
N ILE B 136 6.87 1.45 34.53
CA ILE B 136 7.48 0.36 35.29
C ILE B 136 8.90 0.73 35.69
N PHE B 137 9.66 1.34 34.77
CA PHE B 137 11.03 1.74 35.10
C PHE B 137 11.04 2.81 36.18
N MSE B 138 10.07 3.71 36.15
CA MSE B 138 9.91 4.72 37.19
C MSE B 138 9.63 4.03 38.52
O MSE B 138 10.20 4.38 39.55
CB MSE B 138 8.80 5.71 36.85
CG MSE B 138 8.81 6.94 37.73
SE MSE B 138 10.46 7.99 37.55
CE MSE B 138 10.20 8.66 35.74
N GLU B 139 8.72 3.04 38.50
CA GLU B 139 8.46 2.25 39.69
C GLU B 139 9.72 1.55 40.18
N ASN B 140 10.60 1.15 39.25
CA ASN B 140 11.85 0.50 39.65
C ASN B 140 12.80 1.48 40.32
N VAL B 141 12.71 2.77 39.98
CA VAL B 141 13.56 3.76 40.63
C VAL B 141 13.22 3.84 42.12
N GLY B 142 11.92 3.86 42.45
CA GLY B 142 11.52 3.86 43.85
C GLY B 142 11.84 2.56 44.56
N ALA B 143 11.85 1.45 43.82
CA ALA B 143 12.23 0.18 44.44
C ALA B 143 13.70 0.16 44.83
N VAL B 144 14.56 0.76 44.00
CA VAL B 144 15.96 0.87 44.36
C VAL B 144 16.13 1.78 45.57
N LYS B 145 15.32 2.83 45.66
CA LYS B 145 15.36 3.71 46.83
C LYS B 145 14.99 2.98 48.10
N GLU B 146 14.07 2.00 48.00
CA GLU B 146 13.70 1.21 49.17
C GLU B 146 14.80 0.21 49.53
N LEU B 147 15.40 -0.44 48.53
CA LEU B 147 16.51 -1.35 48.80
C LEU B 147 17.67 -0.62 49.44
N CYS B 148 17.92 0.63 49.04
CA CYS B 148 18.99 1.41 49.66
C CYS B 148 18.73 1.61 51.14
N LYS B 149 17.47 1.84 51.51
CA LYS B 149 17.13 2.03 52.91
C LYS B 149 17.12 0.71 53.68
N LEU B 150 16.77 -0.40 53.02
CA LEU B 150 16.76 -1.68 53.70
C LEU B 150 18.18 -2.19 53.94
N THR B 151 19.06 -2.06 52.94
CA THR B 151 20.45 -2.48 53.11
C THR B 151 21.16 -1.63 54.16
N ASP B 152 20.82 -0.33 54.24
CA ASP B 152 21.41 0.51 55.27
C ASP B 152 20.95 0.07 56.66
N ASN B 153 19.71 -0.40 56.77
CA ASN B 153 19.25 -0.94 58.04
C ASN B 153 19.93 -2.27 58.36
N LEU B 154 20.23 -3.07 57.35
CA LEU B 154 20.93 -4.33 57.59
C LEU B 154 22.38 -4.10 57.99
N GLU B 155 23.04 -3.10 57.37
CA GLU B 155 24.41 -2.80 57.73
C GLU B 155 24.51 -2.30 59.17
N THR B 156 23.51 -1.57 59.64
CA THR B 156 23.50 -1.15 61.03
C THR B 156 23.35 -2.33 61.98
N ARG B 157 22.45 -3.27 61.65
CA ARG B 157 22.29 -4.46 62.47
C ARG B 157 23.52 -5.36 62.40
N ILE B 158 24.23 -5.36 61.27
CA ILE B 158 25.48 -6.10 61.19
C ILE B 158 26.55 -5.41 62.03
N ASP B 159 26.60 -4.08 61.99
CA ASP B 159 27.62 -3.36 62.75
C ASP B 159 27.44 -3.54 64.24
N GLU B 160 26.19 -3.63 64.70
CA GLU B 160 25.94 -3.84 66.12
C GLU B 160 26.39 -5.22 66.56
N LEU B 161 26.21 -6.23 65.70
CA LEU B 161 26.67 -7.57 66.02
C LEU B 161 28.19 -7.64 66.06
N GLU B 162 28.85 -6.93 65.16
CA GLU B 162 30.32 -6.92 65.16
C GLU B 162 30.86 -6.23 66.40
N ARG B 163 30.26 -5.11 66.80
CA ARG B 163 30.67 -4.44 68.02
C ARG B 163 30.39 -5.30 69.25
N TRP B 164 29.33 -6.10 69.21
CA TRP B 164 29.05 -7.02 70.31
C TRP B 164 30.01 -8.19 70.32
N SER B 165 30.55 -8.56 69.16
CA SER B 165 31.47 -9.70 69.07
C SER B 165 32.90 -9.33 69.43
N HIS B 166 33.21 -8.04 69.55
CA HIS B 166 34.54 -7.58 69.90
C HIS B 166 34.62 -7.10 71.35
N LYS B 167 33.69 -7.54 72.20
CA LYS B 167 33.69 -7.17 73.60
C LYS B 167 33.70 -8.41 74.50
N THR C 26 -7.48 -5.26 -44.18
CA THR C 26 -6.17 -4.79 -44.63
C THR C 26 -6.06 -3.27 -44.50
N ASP C 27 -5.15 -2.83 -43.63
CA ASP C 27 -4.94 -1.41 -43.35
C ASP C 27 -6.20 -0.73 -42.83
N ARG C 28 -7.03 -1.48 -42.13
CA ARG C 28 -8.24 -0.98 -41.49
C ARG C 28 -8.10 -1.09 -39.97
N PRO C 29 -8.82 -0.24 -39.20
CA PRO C 29 -8.33 0.15 -37.87
C PRO C 29 -6.83 0.02 -37.65
N ASP C 30 -6.06 0.70 -38.50
CA ASP C 30 -4.63 0.96 -38.28
C ASP C 30 -3.78 -0.30 -38.35
N GLU C 31 -4.39 -1.48 -38.22
CA GLU C 31 -3.64 -2.73 -38.20
C GLU C 31 -3.55 -3.31 -39.61
N ALA C 32 -2.36 -3.85 -39.92
CA ALA C 32 -2.10 -4.32 -41.28
C ALA C 32 -3.09 -5.39 -41.72
N LEU C 33 -3.46 -6.29 -40.82
CA LEU C 33 -4.43 -7.33 -41.13
C LEU C 33 -5.31 -7.60 -39.92
N VAL C 34 -6.63 -7.53 -40.13
CA VAL C 34 -7.61 -7.85 -39.09
C VAL C 34 -8.56 -8.89 -39.65
N VAL C 35 -8.77 -9.97 -38.91
CA VAL C 35 -9.59 -11.09 -39.35
C VAL C 35 -10.72 -11.28 -38.35
N HIS C 36 -11.96 -10.98 -38.77
CA HIS C 36 -13.15 -11.22 -37.95
C HIS C 36 -13.63 -12.65 -38.22
N GLY C 37 -13.00 -13.58 -37.53
CA GLY C 37 -13.27 -14.99 -37.71
C GLY C 37 -12.04 -15.79 -37.31
N ASN C 38 -12.01 -17.05 -37.71
CA ASN C 38 -10.88 -17.92 -37.41
C ASN C 38 -9.90 -17.94 -38.58
N VAL C 39 -8.65 -18.29 -38.26
CA VAL C 39 -7.59 -18.38 -39.25
C VAL C 39 -7.04 -19.79 -39.21
N LYS C 40 -7.05 -20.46 -40.36
CA LYS C 40 -6.53 -21.81 -40.49
C LYS C 40 -5.24 -21.77 -41.29
N VAL C 41 -4.13 -22.15 -40.65
CA VAL C 41 -2.80 -22.09 -41.26
C VAL C 41 -2.27 -23.51 -41.34
N MSE C 42 -1.96 -23.97 -42.54
CA MSE C 42 -1.41 -25.31 -42.74
C MSE C 42 0.06 -25.32 -42.36
O MSE C 42 0.58 -26.32 -41.87
CB MSE C 42 -1.59 -25.75 -44.20
CG MSE C 42 -2.95 -25.44 -44.78
SE MSE C 42 -4.43 -26.24 -43.80
CE MSE C 42 -4.06 -28.10 -44.18
N GLY C 43 0.73 -24.20 -42.59
CA GLY C 43 2.14 -24.08 -42.25
C GLY C 43 2.37 -23.58 -40.85
N SER C 44 3.41 -22.77 -40.66
CA SER C 44 3.79 -22.27 -39.35
C SER C 44 3.74 -20.75 -39.33
N LEU C 45 3.81 -20.20 -38.12
CA LEU C 45 3.89 -18.77 -37.90
C LEU C 45 5.35 -18.39 -37.69
N MSE C 46 5.85 -17.46 -38.50
CA MSE C 46 7.24 -17.07 -38.42
C MSE C 46 7.40 -15.58 -38.08
O MSE C 46 6.74 -14.73 -38.67
CB MSE C 46 7.96 -17.38 -39.73
CG MSE C 46 7.95 -18.86 -40.08
SE MSE C 46 8.76 -19.24 -41.81
CE MSE C 46 8.59 -21.18 -41.80
N HIS C 47 8.27 -15.30 -37.11
CA HIS C 47 8.52 -13.95 -36.63
C HIS C 47 9.99 -13.58 -36.84
N PRO C 48 10.27 -12.29 -37.09
CA PRO C 48 11.67 -11.88 -37.31
C PRO C 48 12.48 -11.81 -36.03
N ALA C 49 13.27 -12.84 -35.77
CA ALA C 49 14.11 -12.92 -34.57
C ALA C 49 15.60 -12.87 -34.90
N ASP C 50 15.96 -12.40 -36.10
CA ASP C 50 17.37 -12.32 -36.46
C ASP C 50 18.11 -11.36 -35.55
N LEU C 51 19.35 -11.73 -35.21
CA LEU C 51 20.15 -10.93 -34.29
C LEU C 51 20.42 -9.54 -34.86
N ARG C 52 20.64 -9.44 -36.17
CA ARG C 52 21.01 -8.19 -36.82
C ARG C 52 19.88 -7.13 -36.83
N ALA C 53 18.76 -7.41 -36.15
CA ALA C 53 17.65 -6.48 -36.00
C ALA C 53 17.45 -6.06 -34.54
N LYS C 54 18.54 -6.00 -33.77
CA LYS C 54 18.48 -5.81 -32.34
C LYS C 54 18.99 -4.44 -31.90
N GLU C 55 18.52 -4.02 -30.73
CA GLU C 55 19.09 -2.92 -29.97
C GLU C 55 18.52 -3.00 -28.57
N HIS C 56 19.22 -2.38 -27.62
CA HIS C 56 18.84 -2.41 -26.19
C HIS C 56 18.64 -3.85 -25.71
N VAL C 57 19.57 -4.72 -26.06
CA VAL C 57 19.46 -6.13 -25.72
C VAL C 57 19.88 -6.30 -24.25
N GLN C 58 18.89 -6.55 -23.39
CA GLN C 58 19.12 -6.76 -21.97
C GLN C 58 18.68 -8.17 -21.60
N GLU C 59 19.35 -8.74 -20.59
CA GLU C 59 19.00 -10.06 -20.11
C GLU C 59 17.70 -10.00 -19.33
N VAL C 60 16.91 -11.05 -19.44
CA VAL C 60 15.67 -11.14 -18.67
C VAL C 60 15.99 -11.76 -17.32
N ASP C 61 15.16 -11.46 -16.33
CA ASP C 61 15.28 -12.05 -15.00
C ASP C 61 14.23 -13.15 -14.92
N THR C 62 14.67 -14.40 -15.04
CA THR C 62 13.74 -15.52 -15.02
C THR C 62 13.00 -15.61 -13.70
N THR C 63 13.61 -15.18 -12.60
CA THR C 63 12.92 -15.15 -11.32
C THR C 63 11.71 -14.23 -11.40
N GLU C 64 11.86 -13.09 -12.07
CA GLU C 64 10.73 -12.22 -12.32
C GLU C 64 9.75 -12.84 -13.32
N GLN C 65 10.24 -13.69 -14.22
CA GLN C 65 9.35 -14.32 -15.19
C GLN C 65 8.41 -15.30 -14.52
N LEU C 66 8.90 -16.09 -13.56
CA LEU C 66 8.03 -17.00 -12.81
C LEU C 66 7.09 -16.25 -11.88
N LYS C 67 7.55 -15.13 -11.32
CA LYS C 67 6.73 -14.34 -10.41
C LYS C 67 5.50 -13.78 -11.12
N ARG C 68 5.69 -13.23 -12.32
CA ARG C 68 4.57 -12.62 -13.03
C ARG C 68 3.54 -13.65 -13.48
N ILE C 69 3.98 -14.87 -13.80
CA ILE C 69 3.05 -15.88 -14.28
C ILE C 69 2.06 -16.26 -13.18
N SER C 70 2.57 -16.46 -11.96
CA SER C 70 1.69 -16.81 -10.85
C SER C 70 0.77 -15.66 -10.46
N ARG C 71 1.11 -14.43 -10.83
CA ARG C 71 0.30 -13.27 -10.50
C ARG C 71 -0.92 -13.09 -11.39
N MSE C 72 -0.90 -13.62 -12.61
CA MSE C 72 -2.02 -13.41 -13.53
C MSE C 72 -3.13 -14.42 -13.30
O MSE C 72 -2.97 -15.40 -12.57
CB MSE C 72 -1.53 -13.46 -14.98
CG MSE C 72 -1.08 -14.82 -15.46
SE MSE C 72 -0.03 -14.66 -17.09
CE MSE C 72 -1.09 -13.33 -18.02
N ARG C 73 -4.28 -14.18 -13.94
CA ARG C 73 -5.51 -14.93 -13.66
C ARG C 73 -6.12 -15.45 -14.96
N LEU C 74 -6.13 -16.76 -15.12
CA LEU C 74 -6.78 -17.41 -16.25
C LEU C 74 -8.22 -17.75 -15.88
N VAL C 75 -9.15 -17.48 -16.80
CA VAL C 75 -10.57 -17.67 -16.55
C VAL C 75 -11.20 -18.42 -17.73
N HIS C 76 -12.22 -19.21 -17.42
CA HIS C 76 -13.13 -19.72 -18.44
C HIS C 76 -14.23 -18.69 -18.67
N TYR C 77 -14.55 -18.45 -19.93
CA TYR C 77 -15.51 -17.41 -20.27
C TYR C 77 -16.11 -17.69 -21.64
N ARG C 78 -17.06 -16.87 -22.03
CA ARG C 78 -17.64 -16.86 -23.36
C ARG C 78 -17.89 -15.42 -23.78
N TYR C 79 -17.85 -15.18 -25.08
CA TYR C 79 -18.06 -13.84 -25.61
C TYR C 79 -19.54 -13.50 -25.60
N LYS C 80 -19.84 -12.23 -25.30
CA LYS C 80 -21.22 -11.76 -25.36
C LYS C 80 -21.78 -11.93 -26.76
N PRO C 81 -23.05 -12.33 -26.91
CA PRO C 81 -23.61 -12.49 -28.26
C PRO C 81 -23.61 -11.21 -29.08
N GLU C 82 -23.78 -10.05 -28.43
CA GLU C 82 -23.72 -8.79 -29.17
C GLU C 82 -22.32 -8.51 -29.68
N PHE C 83 -21.29 -8.97 -28.96
CA PHE C 83 -19.92 -8.80 -29.40
C PHE C 83 -19.54 -9.84 -30.47
N ALA C 84 -19.97 -11.09 -30.28
CA ALA C 84 -19.63 -12.14 -31.23
C ALA C 84 -20.21 -11.86 -32.61
N ALA C 85 -21.38 -11.20 -32.67
CA ALA C 85 -21.99 -10.89 -33.95
C ALA C 85 -21.15 -9.89 -34.74
N SER C 86 -20.71 -8.82 -34.08
CA SER C 86 -19.90 -7.79 -34.72
C SER C 86 -18.46 -8.21 -34.92
N ALA C 87 -18.06 -9.38 -34.43
CA ALA C 87 -16.69 -9.85 -34.54
C ALA C 87 -16.55 -11.06 -35.46
N GLY C 88 -17.64 -11.51 -36.08
CA GLY C 88 -17.57 -12.62 -37.02
C GLY C 88 -17.29 -13.96 -36.39
N ILE C 89 -17.59 -14.13 -35.10
CA ILE C 89 -17.37 -15.39 -34.41
C ILE C 89 -18.67 -15.90 -33.82
N GLU C 90 -18.62 -17.10 -33.24
CA GLU C 90 -19.79 -17.73 -32.64
C GLU C 90 -19.78 -17.53 -31.13
N ALA C 91 -20.96 -17.36 -30.55
CA ALA C 91 -21.11 -17.18 -29.12
C ALA C 91 -21.21 -18.49 -28.33
N THR C 92 -21.40 -19.63 -29.00
CA THR C 92 -21.67 -20.88 -28.29
C THR C 92 -20.43 -21.68 -27.94
N ALA C 93 -19.26 -21.37 -28.49
CA ALA C 93 -18.11 -22.19 -28.11
C ALA C 93 -17.45 -21.62 -26.86
N PRO C 94 -17.17 -22.44 -25.85
CA PRO C 94 -16.51 -21.92 -24.64
C PRO C 94 -15.08 -21.49 -24.92
N GLU C 95 -14.63 -20.48 -24.18
CA GLU C 95 -13.30 -19.93 -24.34
C GLU C 95 -12.58 -19.92 -23.00
N THR C 96 -11.25 -19.90 -23.06
CA THR C 96 -10.41 -19.85 -21.87
C THR C 96 -9.21 -18.98 -22.17
N GLY C 97 -9.03 -17.92 -21.37
CA GLY C 97 -7.93 -17.00 -21.57
C GLY C 97 -7.68 -16.09 -20.38
N VAL C 98 -7.41 -14.82 -20.64
CA VAL C 98 -7.06 -13.86 -19.60
C VAL C 98 -7.89 -12.60 -19.78
N ILE C 99 -7.90 -11.78 -18.74
CA ILE C 99 -8.55 -10.47 -18.76
C ILE C 99 -7.48 -9.44 -19.09
N ALA C 100 -7.72 -8.67 -20.16
CA ALA C 100 -6.72 -7.72 -20.64
C ALA C 100 -6.43 -6.64 -19.60
N GLN C 101 -7.46 -6.21 -18.87
CA GLN C 101 -7.25 -5.19 -17.84
C GLN C 101 -6.38 -5.71 -16.70
N GLU C 102 -6.48 -7.00 -16.38
CA GLU C 102 -5.68 -7.58 -15.30
C GLU C 102 -4.24 -7.85 -15.74
N VAL C 103 -4.06 -8.26 -17.00
CA VAL C 103 -2.71 -8.49 -17.51
C VAL C 103 -1.95 -7.17 -17.65
N LYS C 104 -2.66 -6.08 -17.93
CA LYS C 104 -1.99 -4.81 -18.18
C LYS C 104 -1.18 -4.33 -16.98
N GLU C 105 -1.67 -4.56 -15.76
CA GLU C 105 -0.90 -4.17 -14.58
C GLU C 105 0.28 -5.09 -14.33
N ILE C 106 0.27 -6.30 -14.90
CA ILE C 106 1.34 -7.27 -14.72
C ILE C 106 2.28 -7.26 -15.93
N LEU C 107 1.72 -7.40 -17.13
CA LEU C 107 2.50 -7.46 -18.37
C LEU C 107 1.87 -6.48 -19.36
N PRO C 108 2.18 -5.18 -19.24
CA PRO C 108 1.58 -4.21 -20.16
C PRO C 108 2.15 -4.28 -21.56
N GLU C 109 3.30 -4.91 -21.75
CA GLU C 109 3.84 -5.13 -23.09
C GLU C 109 2.95 -6.04 -23.91
N ALA C 110 2.14 -6.87 -23.26
CA ALA C 110 1.28 -7.83 -23.95
C ALA C 110 -0.13 -7.29 -24.19
N VAL C 111 -0.42 -6.06 -23.80
CA VAL C 111 -1.73 -5.46 -23.95
C VAL C 111 -1.58 -4.17 -24.74
N LYS C 112 -2.51 -3.94 -25.68
CA LYS C 112 -2.51 -2.72 -26.47
C LYS C 112 -3.93 -2.19 -26.55
N ASP C 113 -4.04 -0.86 -26.61
CA ASP C 113 -5.33 -0.18 -26.76
C ASP C 113 -5.59 0.09 -28.23
N THR C 114 -6.74 -0.40 -28.73
CA THR C 114 -7.10 -0.30 -30.13
C THR C 114 -8.24 0.71 -30.37
N GLY C 115 -8.47 1.61 -29.42
CA GLY C 115 -9.48 2.63 -29.60
C GLY C 115 -10.89 2.11 -29.32
N ASP C 116 -11.86 2.71 -30.00
CA ASP C 116 -13.26 2.41 -29.78
C ASP C 116 -13.71 1.22 -30.61
N VAL C 117 -14.71 0.50 -30.09
CA VAL C 117 -15.30 -0.64 -30.79
C VAL C 117 -16.81 -0.59 -30.61
N VAL C 118 -17.55 -0.65 -31.71
CA VAL C 118 -19.00 -0.59 -31.70
C VAL C 118 -19.55 -2.00 -31.86
N PHE C 119 -20.48 -2.38 -30.99
CA PHE C 119 -21.09 -3.69 -31.03
C PHE C 119 -22.16 -3.77 -32.12
N ALA C 120 -22.82 -4.93 -32.21
CA ALA C 120 -23.85 -5.13 -33.23
C ALA C 120 -25.12 -4.33 -32.94
N ASN C 121 -25.31 -3.88 -31.71
CA ASN C 121 -26.49 -3.11 -31.35
C ASN C 121 -26.24 -1.60 -31.33
N GLY C 122 -25.00 -1.17 -31.57
CA GLY C 122 -24.65 0.23 -31.59
C GLY C 122 -23.94 0.73 -30.35
N LYS C 123 -23.83 -0.10 -29.31
CA LYS C 123 -23.17 0.32 -28.09
C LYS C 123 -21.67 0.43 -28.34
N THR C 124 -21.12 1.63 -28.12
CA THR C 124 -19.71 1.88 -28.39
C THR C 124 -18.89 1.58 -27.14
N ILE C 125 -17.92 0.69 -27.28
CA ILE C 125 -17.01 0.33 -26.20
C ILE C 125 -15.71 1.10 -26.41
N GLU C 126 -15.49 2.11 -25.59
CA GLU C 126 -14.30 2.95 -25.71
C GLU C 126 -13.13 2.32 -24.99
N ASN C 127 -11.93 2.52 -25.56
CA ASN C 127 -10.68 2.00 -25.01
C ASN C 127 -10.69 0.47 -24.93
N PHE C 128 -11.03 -0.17 -26.04
CA PHE C 128 -11.04 -1.62 -26.09
C PHE C 128 -9.61 -2.15 -26.07
N LEU C 129 -9.37 -3.16 -25.23
CA LEU C 129 -8.03 -3.71 -25.01
C LEU C 129 -7.90 -5.07 -25.68
N VAL C 130 -6.79 -5.27 -26.38
CA VAL C 130 -6.45 -6.56 -26.96
C VAL C 130 -5.19 -7.08 -26.26
N VAL C 131 -4.94 -8.38 -26.43
CA VAL C 131 -3.84 -9.06 -25.76
C VAL C 131 -2.99 -9.80 -26.79
N ASN C 132 -1.67 -9.73 -26.63
CA ASN C 132 -0.73 -10.54 -27.39
C ASN C 132 -0.49 -11.83 -26.61
N LYS C 133 -1.20 -12.90 -26.99
CA LYS C 133 -1.10 -14.15 -26.24
C LYS C 133 0.29 -14.76 -26.36
N GLU C 134 0.95 -14.61 -27.51
CA GLU C 134 2.29 -15.15 -27.68
C GLU C 134 3.28 -14.50 -26.72
N ARG C 135 3.04 -13.24 -26.34
CA ARG C 135 3.90 -12.58 -25.37
C ARG C 135 3.76 -13.22 -24.00
N ILE C 136 2.56 -13.67 -23.64
CA ILE C 136 2.34 -14.34 -22.36
C ILE C 136 3.01 -15.71 -22.36
N PHE C 137 2.90 -16.45 -23.48
CA PHE C 137 3.52 -17.76 -23.55
C PHE C 137 5.04 -17.69 -23.50
N MSE C 138 5.61 -16.58 -23.97
CA MSE C 138 7.06 -16.39 -23.89
C MSE C 138 7.49 -16.22 -22.45
O MSE C 138 8.56 -16.65 -22.04
CB MSE C 138 7.49 -15.18 -24.74
CG MSE C 138 9.00 -15.02 -24.86
SE MSE C 138 9.84 -16.48 -25.86
CE MSE C 138 9.11 -16.12 -27.63
N GLU C 139 6.61 -15.57 -21.67
CA GLU C 139 6.84 -15.44 -20.23
C GLU C 139 6.81 -16.80 -19.54
N ASN C 140 5.97 -17.71 -20.03
CA ASN C 140 5.88 -19.03 -19.42
C ASN C 140 7.13 -19.85 -19.65
N VAL C 141 7.84 -19.60 -20.76
CA VAL C 141 9.09 -20.30 -21.02
C VAL C 141 10.13 -19.93 -19.96
N GLY C 142 10.25 -18.63 -19.66
CA GLY C 142 11.16 -18.21 -18.61
C GLY C 142 10.73 -18.67 -17.24
N ALA C 143 9.42 -18.85 -17.03
CA ALA C 143 8.93 -19.36 -15.75
C ALA C 143 9.36 -20.81 -15.56
N VAL C 144 9.35 -21.61 -16.64
CA VAL C 144 9.82 -22.98 -16.57
C VAL C 144 11.31 -23.03 -16.26
N LYS C 145 12.08 -22.06 -16.76
CA LYS C 145 13.52 -22.04 -16.47
C LYS C 145 13.79 -21.89 -14.98
N GLU C 146 12.94 -21.15 -14.26
CA GLU C 146 13.13 -21.03 -12.82
C GLU C 146 12.71 -22.31 -12.10
N LEU C 147 11.58 -22.90 -12.51
CA LEU C 147 11.17 -24.17 -11.93
C LEU C 147 12.23 -25.24 -12.14
N CYS C 148 12.88 -25.23 -13.31
CA CYS C 148 13.98 -26.16 -13.55
C CYS C 148 15.15 -25.85 -12.60
N LYS C 149 15.42 -24.56 -12.36
CA LYS C 149 16.50 -24.19 -11.46
C LYS C 149 16.11 -24.33 -9.99
N LEU C 150 14.84 -24.12 -9.65
CA LEU C 150 14.43 -24.24 -8.25
C LEU C 150 14.39 -25.70 -7.80
N THR C 151 13.87 -26.60 -8.65
CA THR C 151 13.84 -28.01 -8.29
C THR C 151 15.24 -28.59 -8.15
N ASP C 152 16.19 -28.11 -8.96
CA ASP C 152 17.57 -28.55 -8.79
C ASP C 152 18.14 -28.07 -7.45
N ASN C 153 17.75 -26.87 -7.02
CA ASN C 153 18.15 -26.39 -5.71
C ASN C 153 17.46 -27.18 -4.60
N LEU C 154 16.21 -27.58 -4.83
CA LEU C 154 15.51 -28.39 -3.83
C LEU C 154 16.09 -29.80 -3.78
N GLU C 155 16.47 -30.36 -4.93
CA GLU C 155 17.08 -31.67 -4.96
C GLU C 155 18.43 -31.69 -4.24
N THR C 156 19.17 -30.59 -4.31
CA THR C 156 20.45 -30.52 -3.60
C THR C 156 20.25 -30.53 -2.09
N ARG C 157 19.28 -29.77 -1.59
CA ARG C 157 18.98 -29.79 -0.16
C ARG C 157 18.37 -31.13 0.25
N ILE C 158 17.66 -31.80 -0.67
CA ILE C 158 17.20 -33.16 -0.39
C ILE C 158 18.38 -34.12 -0.38
N ASP C 159 19.32 -33.95 -1.29
CA ASP C 159 20.46 -34.87 -1.38
C ASP C 159 21.33 -34.79 -0.12
N GLU C 160 21.45 -33.60 0.46
CA GLU C 160 22.21 -33.46 1.70
C GLU C 160 21.51 -34.17 2.86
N LEU C 161 20.18 -34.12 2.88
CA LEU C 161 19.44 -34.81 3.93
C LEU C 161 19.54 -36.33 3.77
N GLU C 162 19.53 -36.81 2.53
CA GLU C 162 19.62 -38.25 2.31
C GLU C 162 20.99 -38.79 2.69
N ARG C 163 22.06 -38.08 2.33
CA ARG C 163 23.40 -38.50 2.74
C ARG C 163 23.57 -38.44 4.25
N TRP C 164 22.90 -37.49 4.90
CA TRP C 164 22.96 -37.41 6.35
C TRP C 164 22.17 -38.51 7.02
N SER C 165 21.10 -39.00 6.37
CA SER C 165 20.29 -40.07 6.92
C SER C 165 20.80 -41.46 6.55
N HIS C 166 21.71 -41.58 5.60
CA HIS C 166 22.25 -42.87 5.17
C HIS C 166 23.68 -43.11 5.63
N LYS C 167 24.59 -42.19 5.36
CA LYS C 167 25.99 -42.30 5.77
C LYS C 167 26.64 -43.55 5.20
#